data_3SIM
#
_entry.id   3SIM
#
_cell.length_a   172.270
_cell.length_b   37.080
_cell.length_c   126.370
_cell.angle_alpha   90.00
_cell.angle_beta   127.01
_cell.angle_gamma   90.00
#
_symmetry.space_group_name_H-M   'C 1 2 1'
#
loop_
_entity.id
_entity.type
_entity.pdbx_description
1 polymer 'Protein, Family 18 Chitinase'
2 non-polymer 'ACETATE ION'
3 non-polymer GLYCEROL
4 water water
#
_entity_poly.entity_id   1
_entity_poly.type   'polypeptide(L)'
_entity_poly.pdbx_seq_one_letter_code
;TLFVEYIGYPLFSGVKFSDVPINPHITKFQFVLSFAVDYTASSPHTSTNGKFNVFWDSSILGPDQISAIKSSHPNVRVAV
SLGGASVGSNTVQFQAASVDSWVSNAVTSLTRIIQRYNLDGIDIDYEHFQNTDKNTFAECIGRLITTLKKNGVISFASIS
PFPSVDEYYLALFNEYKNAINHINYQFKAYDSSTSVDKFLGYYNNAASKYKGGNVLISFSTGPHPGGLPVDKGFFDAATS
LKNKGKLHGIAVWTADTSKSSDFRYEEEAQAFLVS
;
_entity_poly.pdbx_strand_id   A,B
#
loop_
_chem_comp.id
_chem_comp.type
_chem_comp.name
_chem_comp.formula
ACT non-polymer 'ACETATE ION' 'C2 H3 O2 -1'
GOL non-polymer GLYCEROL 'C3 H8 O3'
#
# COMPACT_ATOMS: atom_id res chain seq x y z
N THR A 1 30.82 -3.93 -13.87
CA THR A 1 30.45 -4.53 -12.58
C THR A 1 28.95 -4.39 -12.18
N LEU A 2 28.40 -5.46 -11.69
CA LEU A 2 27.03 -5.61 -11.23
C LEU A 2 26.98 -6.08 -9.80
N PHE A 3 26.23 -5.36 -9.01
CA PHE A 3 25.86 -5.73 -7.66
C PHE A 3 24.36 -5.62 -7.45
N VAL A 4 23.75 -6.69 -6.99
CA VAL A 4 22.34 -6.83 -6.75
C VAL A 4 22.00 -7.00 -5.24
N GLU A 5 21.19 -6.08 -4.76
CA GLU A 5 20.70 -6.03 -3.38
C GLU A 5 19.20 -6.27 -3.22
N TYR A 6 18.81 -7.44 -2.73
CA TYR A 6 17.40 -7.67 -2.38
C TYR A 6 16.95 -6.79 -1.16
N ILE A 7 15.75 -6.25 -1.19
CA ILE A 7 15.24 -5.37 -0.16
C ILE A 7 13.70 -5.36 -0.03
N GLY A 8 13.29 -5.14 1.19
CA GLY A 8 11.95 -5.26 1.69
C GLY A 8 11.37 -6.53 2.32
N TYR A 9 12.19 -7.56 2.49
CA TYR A 9 11.89 -8.79 3.16
C TYR A 9 13.17 -9.33 3.87
N PRO A 10 13.06 -9.84 5.08
CA PRO A 10 11.83 -10.02 5.85
C PRO A 10 11.14 -8.69 6.20
N LEU A 11 9.85 -8.76 6.53
CA LEU A 11 8.98 -7.61 6.85
C LEU A 11 9.34 -6.82 8.10
N PHE A 12 8.98 -5.56 8.16
CA PHE A 12 9.14 -4.73 9.34
C PHE A 12 10.59 -4.45 9.84
N SER A 13 11.59 -4.53 8.97
CA SER A 13 12.95 -4.13 9.31
C SER A 13 13.16 -2.63 9.55
N GLY A 14 12.43 -1.86 8.79
CA GLY A 14 12.57 -0.45 8.67
C GLY A 14 13.67 0.07 7.76
N VAL A 15 14.43 -0.80 7.11
CA VAL A 15 15.53 -0.40 6.26
C VAL A 15 15.12 0.40 5.01
N LYS A 16 15.72 1.56 4.87
CA LYS A 16 15.57 2.43 3.72
C LYS A 16 16.62 2.25 2.67
N PHE A 17 16.37 2.69 1.45
CA PHE A 17 17.35 2.58 0.37
C PHE A 17 18.64 3.34 0.79
N SER A 18 18.42 4.49 1.38
CA SER A 18 19.46 5.37 1.85
C SER A 18 20.28 4.82 3.02
N ASP A 19 19.78 3.82 3.70
CA ASP A 19 20.55 3.13 4.67
C ASP A 19 21.70 2.25 4.08
N VAL A 20 21.56 1.83 2.85
CA VAL A 20 22.49 0.91 2.24
C VAL A 20 23.67 1.60 1.53
N PRO A 21 24.89 1.24 1.91
CA PRO A 21 26.08 1.79 1.25
C PRO A 21 26.12 1.48 -0.24
N ILE A 22 26.25 2.51 -1.04
CA ILE A 22 26.35 2.42 -2.45
C ILE A 22 27.72 2.94 -2.94
N ASN A 23 28.51 2.03 -3.47
CA ASN A 23 29.80 2.32 -4.00
C ASN A 23 29.68 2.93 -5.40
N PRO A 24 30.12 4.18 -5.54
CA PRO A 24 30.00 4.96 -6.77
C PRO A 24 30.74 4.44 -8.00
N HIS A 25 31.73 3.59 -7.78
CA HIS A 25 32.46 2.92 -8.84
C HIS A 25 31.79 1.69 -9.46
N ILE A 26 30.76 1.13 -8.83
CA ILE A 26 29.96 0.03 -9.39
C ILE A 26 29.23 0.53 -10.66
N THR A 27 29.41 -0.14 -11.76
CA THR A 27 28.71 0.22 -12.98
C THR A 27 27.18 0.10 -12.90
N LYS A 28 26.71 -1.02 -12.42
CA LYS A 28 25.31 -1.27 -12.22
C LYS A 28 24.96 -1.76 -10.81
N PHE A 29 24.34 -0.91 -10.03
CA PHE A 29 23.80 -1.27 -8.75
C PHE A 29 22.29 -1.50 -8.94
N GLN A 30 21.81 -2.70 -8.69
CA GLN A 30 20.36 -2.93 -8.74
C GLN A 30 19.74 -3.29 -7.39
N PHE A 31 18.91 -2.40 -6.87
CA PHE A 31 17.94 -2.73 -5.83
C PHE A 31 16.89 -3.71 -6.36
N VAL A 32 16.51 -4.73 -5.60
CA VAL A 32 15.40 -5.60 -5.98
C VAL A 32 14.26 -5.72 -4.92
N LEU A 33 13.13 -5.10 -5.21
CA LEU A 33 12.02 -5.03 -4.24
C LEU A 33 11.32 -6.40 -3.99
N SER A 34 11.21 -6.81 -2.75
CA SER A 34 10.64 -8.09 -2.46
C SER A 34 9.45 -8.07 -1.50
N PHE A 35 8.26 -8.46 -1.92
CA PHE A 35 7.90 -9.03 -3.19
C PHE A 35 6.53 -8.46 -3.72
N ALA A 36 6.31 -8.62 -5.01
CA ALA A 36 5.01 -8.57 -5.59
C ALA A 36 4.54 -10.00 -5.80
N VAL A 37 3.35 -10.29 -5.31
CA VAL A 37 2.74 -11.61 -5.29
C VAL A 37 1.30 -11.62 -5.83
N ASP A 38 0.96 -12.59 -6.64
CA ASP A 38 -0.40 -12.78 -7.12
C ASP A 38 -1.27 -13.60 -6.16
N TYR A 39 -1.40 -13.08 -4.96
CA TYR A 39 -2.20 -13.59 -3.88
C TYR A 39 -2.92 -12.43 -3.23
N THR A 40 -4.01 -12.75 -2.58
CA THR A 40 -4.84 -11.80 -1.90
C THR A 40 -4.10 -11.10 -0.76
N ALA A 41 -4.38 -9.83 -0.57
CA ALA A 41 -3.66 -8.98 0.38
C ALA A 41 -3.80 -9.39 1.85
N SER A 42 -4.92 -9.94 2.17
CA SER A 42 -5.20 -10.24 3.52
C SER A 42 -5.54 -11.70 3.71
N SER A 43 -5.29 -12.23 4.88
CA SER A 43 -5.55 -13.63 5.18
C SER A 43 -7.02 -14.04 5.20
N PRO A 44 -7.24 -15.32 4.96
CA PRO A 44 -6.24 -16.21 4.46
C PRO A 44 -5.90 -15.83 3.05
N HIS A 45 -4.62 -15.95 2.76
CA HIS A 45 -4.11 -15.58 1.46
C HIS A 45 -4.35 -16.68 0.44
N THR A 46 -5.03 -16.33 -0.62
CA THR A 46 -5.32 -17.18 -1.78
C THR A 46 -4.88 -16.60 -3.16
N SER A 47 -4.61 -17.48 -4.10
CA SER A 47 -4.14 -17.09 -5.38
C SER A 47 -5.16 -16.32 -6.25
N THR A 48 -4.64 -15.36 -7.01
CA THR A 48 -5.45 -14.47 -7.83
C THR A 48 -5.27 -14.58 -9.35
N ASN A 49 -4.66 -15.66 -9.79
CA ASN A 49 -4.44 -15.88 -11.20
C ASN A 49 -3.65 -14.74 -11.92
N GLY A 50 -2.54 -14.31 -11.36
CA GLY A 50 -1.72 -13.28 -11.94
C GLY A 50 -2.12 -11.82 -11.70
N LYS A 51 -3.05 -11.55 -10.79
CA LYS A 51 -3.27 -10.21 -10.36
C LYS A 51 -2.33 -9.82 -9.21
N PHE A 52 -1.25 -9.15 -9.51
CA PHE A 52 -0.25 -8.84 -8.52
C PHE A 52 -0.65 -7.79 -7.49
N ASN A 53 -0.33 -8.06 -6.25
CA ASN A 53 -0.36 -7.16 -5.14
C ASN A 53 1.05 -6.86 -4.58
N VAL A 54 1.22 -5.72 -3.95
CA VAL A 54 2.47 -5.24 -3.40
C VAL A 54 2.67 -5.70 -1.94
N PHE A 55 3.66 -6.52 -1.63
CA PHE A 55 3.85 -7.01 -0.25
C PHE A 55 4.99 -6.40 0.57
N TRP A 56 5.79 -5.57 -0.08
CA TRP A 56 6.70 -4.69 0.62
C TRP A 56 5.96 -3.47 1.09
N ASP A 57 6.62 -2.72 1.94
CA ASP A 57 6.05 -1.54 2.57
C ASP A 57 6.31 -0.24 1.75
N SER A 58 5.27 0.17 1.05
CA SER A 58 5.31 1.33 0.19
C SER A 58 5.56 2.65 0.92
N SER A 59 5.25 2.70 2.19
CA SER A 59 5.57 3.87 2.93
C SER A 59 7.05 4.09 3.25
N ILE A 60 7.80 3.01 3.19
CA ILE A 60 9.25 3.09 3.30
C ILE A 60 9.96 3.03 1.93
N LEU A 61 9.64 2.03 1.13
CA LEU A 61 10.07 1.91 -0.26
C LEU A 61 9.01 2.35 -1.31
N GLY A 62 8.80 3.64 -1.44
CA GLY A 62 7.90 4.18 -2.41
C GLY A 62 8.49 4.85 -3.63
N PRO A 63 7.57 5.35 -4.46
CA PRO A 63 7.87 6.03 -5.69
C PRO A 63 8.78 7.27 -5.47
N ASP A 64 8.53 8.11 -4.49
CA ASP A 64 9.41 9.22 -4.16
C ASP A 64 10.83 8.85 -3.65
N GLN A 65 10.91 7.84 -2.80
CA GLN A 65 12.20 7.32 -2.35
C GLN A 65 13.06 6.75 -3.52
N ILE A 66 12.40 6.06 -4.44
CA ILE A 66 13.00 5.48 -5.62
C ILE A 66 13.59 6.56 -6.56
N SER A 67 12.82 7.62 -6.75
CA SER A 67 13.24 8.77 -7.50
C SER A 67 14.40 9.47 -6.89
N ALA A 68 14.35 9.69 -5.59
CA ALA A 68 15.44 10.29 -4.86
C ALA A 68 16.76 9.51 -4.86
N ILE A 69 16.69 8.21 -4.64
CA ILE A 69 17.88 7.40 -4.65
C ILE A 69 18.55 7.36 -6.04
N LYS A 70 17.76 7.23 -7.07
CA LYS A 70 18.24 7.25 -8.42
C LYS A 70 18.87 8.60 -8.83
N SER A 71 18.29 9.66 -8.33
CA SER A 71 18.77 10.97 -8.57
C SER A 71 20.11 11.29 -7.92
N SER A 72 20.28 10.88 -6.69
CA SER A 72 21.49 10.86 -5.95
C SER A 72 22.58 9.93 -6.47
N HIS A 73 22.21 8.81 -7.05
CA HIS A 73 23.13 7.81 -7.53
C HIS A 73 22.79 7.35 -8.91
N PRO A 74 23.47 7.91 -9.90
CA PRO A 74 23.24 7.62 -11.31
C PRO A 74 23.49 6.17 -11.74
N ASN A 75 24.25 5.42 -10.97
CA ASN A 75 24.47 3.99 -11.15
C ASN A 75 23.33 3.03 -10.65
N VAL A 76 22.36 3.59 -9.96
CA VAL A 76 21.28 2.83 -9.38
C VAL A 76 20.02 2.64 -10.28
N ARG A 77 19.62 1.40 -10.45
CA ARG A 77 18.33 0.99 -10.97
C ARG A 77 17.59 0.12 -9.95
N VAL A 78 16.26 0.05 -10.08
CA VAL A 78 15.39 -0.71 -9.22
C VAL A 78 14.47 -1.69 -9.94
N ALA A 79 14.44 -2.90 -9.49
CA ALA A 79 13.57 -3.93 -10.04
C ALA A 79 12.55 -4.46 -8.99
N VAL A 80 11.61 -5.28 -9.39
CA VAL A 80 10.74 -5.99 -8.48
C VAL A 80 10.81 -7.53 -8.67
N SER A 81 10.87 -8.26 -7.56
CA SER A 81 10.84 -9.70 -7.55
C SER A 81 9.43 -10.29 -7.33
N LEU A 82 9.06 -11.20 -8.18
CA LEU A 82 7.81 -11.93 -8.16
C LEU A 82 7.89 -13.24 -7.34
N GLY A 83 6.88 -13.45 -6.53
CA GLY A 83 6.71 -14.64 -5.74
C GLY A 83 7.27 -14.63 -4.37
N GLY A 84 8.42 -15.21 -4.21
CA GLY A 84 8.98 -15.44 -2.89
C GLY A 84 8.44 -16.70 -2.23
N ALA A 85 8.99 -17.12 -1.10
CA ALA A 85 8.57 -18.32 -0.40
C ALA A 85 7.19 -18.37 0.21
N SER A 86 6.81 -17.31 0.91
CA SER A 86 5.61 -17.25 1.73
C SER A 86 4.94 -15.91 1.67
N VAL A 87 3.66 -15.93 1.88
CA VAL A 87 2.87 -14.77 2.08
C VAL A 87 2.01 -14.99 3.40
N GLY A 88 2.25 -14.15 4.36
CA GLY A 88 1.77 -14.42 5.69
C GLY A 88 2.38 -15.72 6.11
N SER A 89 1.56 -16.68 6.50
CA SER A 89 2.02 -17.99 6.81
C SER A 89 1.77 -19.00 5.68
N ASN A 90 1.21 -18.56 4.58
CA ASN A 90 0.84 -19.44 3.50
C ASN A 90 1.97 -19.61 2.45
N THR A 91 2.23 -20.82 2.05
CA THR A 91 3.21 -21.09 1.04
C THR A 91 2.77 -20.44 -0.31
N VAL A 92 3.68 -19.78 -1.01
CA VAL A 92 3.41 -19.27 -2.34
C VAL A 92 3.64 -20.35 -3.45
N GLN A 93 2.52 -20.80 -3.97
CA GLN A 93 2.44 -21.79 -5.02
C GLN A 93 2.12 -21.12 -6.35
N PHE A 94 2.95 -21.32 -7.37
CA PHE A 94 2.59 -20.85 -8.71
C PHE A 94 1.36 -21.58 -9.22
N GLN A 95 0.35 -20.80 -9.56
CA GLN A 95 -0.90 -21.31 -10.06
C GLN A 95 -1.49 -20.48 -11.19
N ALA A 96 -1.75 -21.10 -12.33
CA ALA A 96 -2.44 -20.48 -13.45
C ALA A 96 -3.74 -21.21 -13.86
N ALA A 97 -4.84 -20.46 -13.93
CA ALA A 97 -6.10 -20.99 -14.43
C ALA A 97 -6.08 -21.33 -15.94
N SER A 98 -5.43 -20.47 -16.71
CA SER A 98 -4.99 -20.72 -18.06
C SER A 98 -3.79 -19.84 -18.31
N VAL A 99 -2.99 -20.18 -19.30
CA VAL A 99 -1.86 -19.37 -19.65
C VAL A 99 -2.30 -17.97 -20.11
N ASP A 100 -3.30 -17.91 -20.97
CA ASP A 100 -3.75 -16.68 -21.57
C ASP A 100 -4.28 -15.77 -20.50
N SER A 101 -5.11 -16.29 -19.61
CA SER A 101 -5.70 -15.49 -18.54
C SER A 101 -4.70 -14.97 -17.49
N TRP A 102 -3.75 -15.80 -17.09
CA TRP A 102 -2.68 -15.40 -16.17
C TRP A 102 -1.81 -14.29 -16.75
N VAL A 103 -1.35 -14.45 -17.98
CA VAL A 103 -0.53 -13.49 -18.67
C VAL A 103 -1.27 -12.12 -18.83
N SER A 104 -2.53 -12.14 -19.22
CA SER A 104 -3.27 -10.90 -19.34
C SER A 104 -3.35 -10.14 -18.01
N ASN A 105 -3.67 -10.85 -16.93
CA ASN A 105 -3.72 -10.27 -15.61
C ASN A 105 -2.34 -9.73 -15.12
N ALA A 106 -1.29 -10.51 -15.35
CA ALA A 106 0.06 -10.18 -14.99
C ALA A 106 0.61 -8.91 -15.70
N VAL A 107 0.42 -8.84 -17.01
CA VAL A 107 0.81 -7.70 -17.78
C VAL A 107 0.05 -6.43 -17.31
N THR A 108 -1.24 -6.49 -17.12
CA THR A 108 -1.95 -5.31 -16.65
C THR A 108 -1.52 -4.82 -15.26
N SER A 109 -1.51 -5.70 -14.30
CA SER A 109 -1.15 -5.42 -12.92
C SER A 109 0.32 -4.98 -12.69
N LEU A 110 1.26 -5.68 -13.28
CA LEU A 110 2.69 -5.36 -13.26
C LEU A 110 3.08 -4.10 -14.00
N THR A 111 2.45 -3.86 -15.15
CA THR A 111 2.67 -2.65 -15.91
C THR A 111 2.28 -1.44 -15.05
N ARG A 112 1.15 -1.51 -14.39
CA ARG A 112 0.76 -0.48 -13.44
C ARG A 112 1.75 -0.30 -12.27
N ILE A 113 2.17 -1.37 -11.64
CA ILE A 113 3.13 -1.29 -10.56
C ILE A 113 4.49 -0.72 -11.02
N ILE A 114 5.00 -1.22 -12.12
CA ILE A 114 6.27 -0.84 -12.65
C ILE A 114 6.30 0.65 -13.01
N GLN A 115 5.29 1.13 -13.73
CA GLN A 115 5.16 2.56 -14.06
C GLN A 115 5.01 3.44 -12.83
N ARG A 116 4.15 3.03 -11.91
CA ARG A 116 3.93 3.77 -10.69
C ARG A 116 5.15 3.91 -9.79
N TYR A 117 5.96 2.87 -9.62
CA TYR A 117 7.14 2.92 -8.78
C TYR A 117 8.42 3.40 -9.55
N ASN A 118 8.27 3.76 -10.80
CA ASN A 118 9.43 4.11 -11.62
C ASN A 118 10.51 3.00 -11.80
N LEU A 119 10.11 1.75 -11.95
CA LEU A 119 11.01 0.58 -12.00
C LEU A 119 11.61 0.30 -13.38
N ASP A 120 12.75 -0.37 -13.39
CA ASP A 120 13.54 -0.68 -14.56
C ASP A 120 13.58 -2.15 -15.02
N GLY A 121 13.17 -3.04 -14.14
CA GLY A 121 13.24 -4.45 -14.32
C GLY A 121 12.38 -5.34 -13.44
N ILE A 122 12.35 -6.62 -13.76
CA ILE A 122 11.77 -7.66 -12.89
C ILE A 122 12.71 -8.85 -12.60
N ASP A 123 12.40 -9.56 -11.54
CA ASP A 123 13.11 -10.76 -11.14
C ASP A 123 12.08 -11.88 -10.87
N ILE A 124 12.44 -13.08 -11.21
CA ILE A 124 11.53 -14.19 -11.00
C ILE A 124 11.94 -15.10 -9.85
N ASP A 125 11.14 -15.11 -8.80
CA ASP A 125 11.44 -15.89 -7.59
C ASP A 125 10.28 -16.80 -7.06
N TYR A 126 9.54 -17.46 -7.92
CA TYR A 126 8.67 -18.51 -7.51
C TYR A 126 9.49 -19.76 -7.06
N GLU A 127 9.11 -20.35 -5.95
CA GLU A 127 9.81 -21.47 -5.34
C GLU A 127 9.00 -22.80 -5.08
N HIS A 128 7.71 -22.77 -5.37
CA HIS A 128 6.84 -23.91 -5.19
C HIS A 128 5.93 -24.10 -6.38
N PHE A 129 5.94 -25.33 -6.85
CA PHE A 129 5.31 -25.73 -8.10
C PHE A 129 4.31 -26.95 -8.00
N GLN A 130 3.82 -27.25 -6.82
CA GLN A 130 2.97 -28.39 -6.56
C GLN A 130 1.58 -28.34 -7.21
N ASN A 131 1.15 -27.18 -7.65
CA ASN A 131 -0.12 -27.00 -8.33
C ASN A 131 0.00 -26.55 -9.82
N THR A 132 1.16 -26.78 -10.42
CA THR A 132 1.50 -26.41 -11.76
C THR A 132 2.40 -27.43 -12.45
N ASP A 133 2.83 -27.13 -13.66
CA ASP A 133 3.78 -27.91 -14.41
C ASP A 133 4.76 -26.98 -15.08
N LYS A 134 5.92 -27.52 -15.45
CA LYS A 134 7.07 -26.75 -15.96
C LYS A 134 6.77 -25.97 -17.24
N ASN A 135 6.03 -26.56 -18.16
CA ASN A 135 5.68 -25.87 -19.38
C ASN A 135 4.76 -24.65 -19.20
N THR A 136 3.77 -24.80 -18.33
CA THR A 136 2.81 -23.78 -18.00
C THR A 136 3.47 -22.56 -17.37
N PHE A 137 4.37 -22.83 -16.42
CA PHE A 137 5.27 -21.83 -15.81
C PHE A 137 6.21 -21.17 -16.84
N ALA A 138 6.85 -21.94 -17.69
CA ALA A 138 7.73 -21.40 -18.69
C ALA A 138 7.02 -20.44 -19.67
N GLU A 139 5.86 -20.84 -20.14
CA GLU A 139 5.02 -20.08 -21.02
C GLU A 139 4.46 -18.80 -20.40
N CYS A 140 3.93 -18.85 -19.18
CA CYS A 140 3.44 -17.70 -18.49
C CYS A 140 4.54 -16.64 -18.26
N ILE A 141 5.65 -17.05 -17.66
CA ILE A 141 6.75 -16.16 -17.41
C ILE A 141 7.42 -15.65 -18.69
N GLY A 142 7.64 -16.54 -19.64
CA GLY A 142 8.25 -16.18 -20.90
C GLY A 142 7.41 -15.15 -21.65
N ARG A 143 6.10 -15.36 -21.77
CA ARG A 143 5.22 -14.38 -22.39
C ARG A 143 5.20 -13.04 -21.63
N LEU A 144 5.17 -13.07 -20.31
CA LEU A 144 5.21 -11.85 -19.51
C LEU A 144 6.48 -11.02 -19.74
N ILE A 145 7.66 -11.60 -19.64
CA ILE A 145 8.87 -10.85 -19.85
C ILE A 145 8.95 -10.29 -21.30
N THR A 146 8.64 -11.12 -22.26
CA THR A 146 8.71 -10.80 -23.67
C THR A 146 7.79 -9.61 -23.95
N THR A 147 6.56 -9.66 -23.45
CA THR A 147 5.60 -8.57 -23.61
C THR A 147 6.01 -7.25 -22.98
N LEU A 148 6.44 -7.31 -21.73
CA LEU A 148 6.84 -6.15 -20.98
C LEU A 148 8.04 -5.45 -21.69
N LYS A 149 9.01 -6.22 -22.15
CA LYS A 149 10.14 -5.72 -22.91
C LYS A 149 9.71 -5.07 -24.26
N LYS A 150 8.85 -5.73 -24.99
CA LYS A 150 8.31 -5.22 -26.25
C LYS A 150 7.52 -3.91 -26.11
N ASN A 151 6.71 -3.75 -25.08
CA ASN A 151 5.90 -2.57 -24.77
C ASN A 151 6.72 -1.39 -24.22
N GLY A 152 8.00 -1.66 -23.99
CA GLY A 152 8.96 -0.76 -23.39
C GLY A 152 8.86 -0.50 -21.89
N VAL A 153 8.11 -1.31 -21.18
CA VAL A 153 7.92 -1.24 -19.74
C VAL A 153 9.16 -1.56 -18.83
N ILE A 154 9.96 -2.52 -19.26
CA ILE A 154 11.21 -2.89 -18.60
C ILE A 154 12.40 -2.97 -19.54
N SER A 155 13.55 -2.57 -19.03
CA SER A 155 14.88 -2.85 -19.57
C SER A 155 15.50 -4.26 -19.45
N PHE A 156 15.41 -4.82 -18.24
CA PHE A 156 15.99 -6.09 -17.90
C PHE A 156 15.10 -7.06 -17.11
N ALA A 157 15.49 -8.31 -17.18
CA ALA A 157 14.94 -9.40 -16.39
C ALA A 157 15.96 -10.46 -15.93
N SER A 158 15.74 -10.94 -14.71
CA SER A 158 16.52 -11.96 -14.04
C SER A 158 15.67 -13.11 -13.45
N ILE A 159 16.32 -14.23 -13.21
CA ILE A 159 15.72 -15.37 -12.53
C ILE A 159 16.56 -15.76 -11.30
N SER A 160 15.96 -16.35 -10.28
CA SER A 160 16.68 -16.70 -9.09
C SER A 160 16.49 -18.18 -8.65
N PRO A 161 16.94 -19.12 -9.47
CA PRO A 161 16.83 -20.54 -9.17
C PRO A 161 17.81 -21.11 -8.10
N PHE A 162 17.60 -22.38 -7.79
CA PHE A 162 18.44 -23.20 -6.93
C PHE A 162 18.14 -24.68 -7.29
N PRO A 163 18.94 -25.60 -6.78
CA PRO A 163 18.95 -26.93 -7.36
C PRO A 163 17.57 -27.59 -7.31
N SER A 164 16.85 -27.49 -6.21
CA SER A 164 15.54 -28.14 -6.14
C SER A 164 14.46 -27.62 -7.10
N VAL A 165 14.62 -26.40 -7.59
CA VAL A 165 13.77 -25.84 -8.62
C VAL A 165 14.34 -25.76 -10.02
N ASP A 166 15.46 -26.38 -10.27
CA ASP A 166 16.13 -26.27 -11.53
C ASP A 166 15.30 -26.74 -12.73
N GLU A 167 14.44 -27.74 -12.54
CA GLU A 167 13.66 -28.30 -13.62
C GLU A 167 12.72 -27.25 -14.26
N TYR A 168 12.06 -26.50 -13.40
CA TYR A 168 11.18 -25.39 -13.74
C TYR A 168 11.83 -24.19 -14.41
N TYR A 169 12.91 -23.73 -13.80
CA TYR A 169 13.77 -22.69 -14.34
C TYR A 169 14.51 -23.02 -15.66
N LEU A 170 14.97 -24.24 -15.80
CA LEU A 170 15.58 -24.70 -17.04
C LEU A 170 14.60 -24.73 -18.22
N ALA A 171 13.40 -25.14 -17.96
CA ALA A 171 12.35 -25.06 -18.96
C ALA A 171 12.15 -23.59 -19.40
N LEU A 172 12.07 -22.68 -18.45
CA LEU A 172 11.90 -21.27 -18.76
C LEU A 172 13.09 -20.71 -19.56
N PHE A 173 14.29 -21.05 -19.11
CA PHE A 173 15.55 -20.62 -19.73
C PHE A 173 15.76 -21.17 -21.16
N ASN A 174 15.63 -22.46 -21.37
CA ASN A 174 15.71 -23.08 -22.66
C ASN A 174 14.62 -22.60 -23.65
N GLU A 175 13.42 -22.42 -23.18
CA GLU A 175 12.36 -21.80 -23.96
C GLU A 175 12.45 -20.28 -24.31
N TYR A 176 13.04 -19.47 -23.45
CA TYR A 176 13.09 -18.01 -23.57
C TYR A 176 14.46 -17.36 -23.27
N LYS A 177 15.53 -17.95 -23.74
CA LYS A 177 16.91 -17.57 -23.39
C LYS A 177 17.23 -16.11 -23.76
N ASN A 178 16.73 -15.62 -24.87
CA ASN A 178 16.92 -14.21 -25.18
C ASN A 178 16.15 -13.18 -24.34
N ALA A 179 15.18 -13.60 -23.57
CA ALA A 179 14.45 -12.70 -22.68
C ALA A 179 15.05 -12.46 -21.28
N ILE A 180 15.94 -13.34 -20.86
CA ILE A 180 16.59 -13.31 -19.57
C ILE A 180 18.06 -12.76 -19.63
N ASN A 181 18.26 -11.63 -18.98
CA ASN A 181 19.54 -11.00 -18.83
C ASN A 181 20.66 -11.62 -17.98
N HIS A 182 20.34 -12.11 -16.80
CA HIS A 182 21.24 -12.77 -15.87
C HIS A 182 20.50 -13.64 -14.84
N ILE A 183 21.25 -14.41 -14.11
CA ILE A 183 20.76 -15.43 -13.25
C ILE A 183 21.37 -15.30 -11.86
N ASN A 184 20.54 -14.89 -10.94
CA ASN A 184 20.91 -14.75 -9.58
C ASN A 184 20.74 -16.05 -8.79
N TYR A 185 21.69 -16.97 -9.00
CA TYR A 185 21.61 -18.31 -8.45
C TYR A 185 21.77 -18.21 -6.96
N GLN A 186 20.93 -18.92 -6.25
CA GLN A 186 20.79 -18.89 -4.81
C GLN A 186 21.76 -19.95 -4.15
N PHE A 187 23.01 -19.60 -4.08
CA PHE A 187 24.04 -20.45 -3.52
C PHE A 187 23.82 -20.72 -2.00
N LYS A 188 23.04 -19.89 -1.34
CA LYS A 188 22.73 -20.13 0.05
C LYS A 188 21.91 -21.42 0.27
N ALA A 189 21.37 -21.98 -0.79
CA ALA A 189 20.66 -23.24 -0.77
C ALA A 189 21.49 -24.49 -0.40
N TYR A 190 22.76 -24.47 -0.69
CA TYR A 190 23.63 -25.57 -0.34
C TYR A 190 23.93 -25.64 1.17
N ASP A 191 24.46 -26.77 1.63
CA ASP A 191 24.78 -27.00 3.04
C ASP A 191 25.78 -26.03 3.58
N SER A 192 25.72 -25.84 4.88
CA SER A 192 26.61 -25.00 5.67
C SER A 192 28.07 -25.51 5.68
N SER A 193 28.23 -26.79 5.47
CA SER A 193 29.52 -27.44 5.29
C SER A 193 30.29 -27.17 3.97
N THR A 194 29.63 -26.58 2.98
CA THR A 194 30.23 -26.45 1.67
C THR A 194 31.57 -25.73 1.76
N SER A 195 32.60 -26.35 1.22
CA SER A 195 33.96 -25.82 1.12
C SER A 195 34.15 -24.89 -0.07
N VAL A 196 35.33 -24.26 -0.11
CA VAL A 196 35.70 -23.42 -1.22
C VAL A 196 35.73 -24.23 -2.53
N ASP A 197 36.31 -25.41 -2.51
CA ASP A 197 36.35 -26.24 -3.70
C ASP A 197 34.99 -26.71 -4.18
N LYS A 198 34.13 -27.11 -3.28
CA LYS A 198 32.78 -27.51 -3.59
C LYS A 198 31.93 -26.34 -4.15
N PHE A 199 32.08 -25.15 -3.58
CA PHE A 199 31.38 -24.01 -4.08
C PHE A 199 31.75 -23.77 -5.53
N LEU A 200 33.03 -23.82 -5.84
CA LEU A 200 33.49 -23.65 -7.19
C LEU A 200 32.92 -24.76 -8.12
N GLY A 201 32.84 -25.99 -7.63
CA GLY A 201 32.17 -27.05 -8.34
C GLY A 201 30.67 -26.76 -8.59
N TYR A 202 30.02 -26.21 -7.60
CA TYR A 202 28.62 -25.81 -7.74
C TYR A 202 28.45 -24.69 -8.78
N TYR A 203 29.33 -23.71 -8.76
CA TYR A 203 29.31 -22.65 -9.72
C TYR A 203 29.49 -23.14 -11.16
N ASN A 204 30.49 -23.97 -11.40
CA ASN A 204 30.67 -24.53 -12.69
C ASN A 204 29.48 -25.41 -13.15
N ASN A 205 28.84 -26.11 -12.23
CA ASN A 205 27.66 -26.89 -12.50
C ASN A 205 26.50 -25.96 -12.98
N ALA A 206 26.28 -24.87 -12.27
CA ALA A 206 25.28 -23.86 -12.60
C ALA A 206 25.47 -23.17 -13.99
N ALA A 207 26.72 -22.84 -14.28
CA ALA A 207 27.19 -22.28 -15.55
C ALA A 207 26.93 -23.20 -16.74
N SER A 208 27.19 -24.49 -16.60
CA SER A 208 26.85 -25.52 -17.45
CA SER A 208 26.87 -25.49 -17.48
C SER A 208 25.33 -25.77 -17.58
N LYS A 209 24.55 -25.84 -16.51
CA LYS A 209 23.16 -26.12 -16.63
C LYS A 209 22.51 -24.97 -17.46
N TYR A 210 22.83 -23.73 -17.09
CA TYR A 210 22.37 -22.50 -17.75
C TYR A 210 23.34 -21.95 -18.85
N LYS A 211 23.62 -22.82 -19.81
CA LYS A 211 24.71 -22.57 -20.73
C LYS A 211 24.49 -21.32 -21.54
N GLY A 212 25.46 -20.44 -21.47
CA GLY A 212 25.31 -19.16 -22.10
C GLY A 212 24.46 -18.12 -21.37
N GLY A 213 23.99 -18.43 -20.20
CA GLY A 213 23.31 -17.49 -19.34
C GLY A 213 24.39 -16.94 -18.42
N ASN A 214 24.30 -15.70 -17.99
CA ASN A 214 25.30 -15.18 -17.09
C ASN A 214 24.88 -15.42 -15.59
N VAL A 215 25.62 -16.29 -14.92
CA VAL A 215 25.31 -16.63 -13.53
C VAL A 215 26.16 -15.83 -12.52
N LEU A 216 25.46 -15.02 -11.77
CA LEU A 216 25.93 -14.40 -10.55
C LEU A 216 26.11 -15.35 -9.36
N ILE A 217 27.12 -15.09 -8.59
CA ILE A 217 27.29 -15.68 -7.27
C ILE A 217 26.52 -14.91 -6.19
N SER A 218 26.37 -15.49 -5.03
CA SER A 218 25.55 -14.91 -3.98
C SER A 218 25.85 -15.39 -2.55
N PHE A 219 25.41 -14.62 -1.59
CA PHE A 219 25.37 -14.97 -0.19
C PHE A 219 24.17 -14.34 0.56
N SER A 220 23.88 -14.90 1.72
CA SER A 220 22.87 -14.42 2.65
C SER A 220 23.50 -13.80 3.89
N THR A 221 22.90 -12.73 4.35
CA THR A 221 23.25 -12.07 5.57
C THR A 221 22.25 -12.42 6.73
N GLY A 222 21.42 -13.43 6.51
CA GLY A 222 20.40 -13.91 7.42
C GLY A 222 20.90 -14.65 8.65
N PRO A 223 20.08 -14.84 9.65
CA PRO A 223 20.58 -15.38 10.90
C PRO A 223 20.78 -16.90 10.87
N HIS A 224 20.41 -17.56 9.79
CA HIS A 224 20.44 -18.99 9.67
C HIS A 224 21.54 -19.47 8.73
N PRO A 225 22.21 -20.55 9.06
CA PRO A 225 23.26 -21.02 8.19
C PRO A 225 22.77 -21.49 6.84
N GLY A 226 23.54 -21.16 5.79
CA GLY A 226 23.37 -21.67 4.43
C GLY A 226 24.58 -21.42 3.55
N GLY A 227 25.01 -22.43 2.84
CA GLY A 227 26.08 -22.35 1.86
C GLY A 227 27.47 -22.03 2.39
N LEU A 228 28.32 -21.50 1.56
CA LEU A 228 29.64 -21.06 1.92
C LEU A 228 29.56 -19.61 2.46
N PRO A 229 29.73 -19.43 3.74
CA PRO A 229 29.56 -18.14 4.38
C PRO A 229 30.50 -17.07 3.87
N VAL A 230 29.95 -15.87 3.89
CA VAL A 230 30.51 -14.71 3.27
C VAL A 230 31.88 -14.44 3.76
N ASP A 231 32.11 -14.67 5.02
CA ASP A 231 33.37 -14.41 5.59
C ASP A 231 34.14 -15.62 6.01
N LYS A 232 33.72 -16.75 5.52
CA LYS A 232 34.41 -18.02 5.71
C LYS A 232 34.91 -18.73 4.43
N GLY A 233 35.30 -17.93 3.48
CA GLY A 233 35.90 -18.37 2.27
C GLY A 233 35.16 -17.99 1.00
N PHE A 234 34.01 -17.32 1.13
CA PHE A 234 33.29 -16.88 -0.05
C PHE A 234 34.19 -15.99 -0.94
N PHE A 235 34.92 -15.07 -0.34
CA PHE A 235 35.84 -14.21 -1.07
C PHE A 235 37.03 -14.92 -1.75
N ASP A 236 37.49 -16.04 -1.22
CA ASP A 236 38.47 -16.87 -1.88
C ASP A 236 37.97 -17.51 -3.17
N ALA A 237 36.78 -18.07 -3.12
CA ALA A 237 36.09 -18.57 -4.27
C ALA A 237 35.80 -17.44 -5.29
N ALA A 238 35.37 -16.30 -4.80
CA ALA A 238 35.07 -15.18 -5.65
C ALA A 238 36.33 -14.70 -6.37
N THR A 239 37.43 -14.72 -5.65
CA THR A 239 38.71 -14.37 -6.21
C THR A 239 39.18 -15.30 -7.36
N SER A 240 39.02 -16.60 -7.22
CA SER A 240 39.33 -17.54 -8.28
C SER A 240 38.44 -17.29 -9.50
N LEU A 241 37.16 -17.05 -9.27
CA LEU A 241 36.27 -16.72 -10.33
C LEU A 241 36.68 -15.42 -11.05
N LYS A 242 37.06 -14.41 -10.31
CA LYS A 242 37.49 -13.15 -10.89
C LYS A 242 38.76 -13.30 -11.81
N ASN A 243 39.76 -14.02 -11.34
CA ASN A 243 41.01 -14.29 -12.04
C ASN A 243 40.80 -15.05 -13.35
N LYS A 244 39.79 -15.90 -13.35
CA LYS A 244 39.39 -16.67 -14.47
C LYS A 244 38.47 -15.97 -15.52
N GLY A 245 38.06 -14.76 -15.28
CA GLY A 245 37.10 -14.13 -16.13
C GLY A 245 35.69 -14.68 -15.95
N LYS A 246 35.43 -15.27 -14.81
CA LYS A 246 34.13 -15.89 -14.52
C LYS A 246 33.15 -15.17 -13.54
N LEU A 247 33.46 -13.97 -13.10
CA LEU A 247 32.67 -13.27 -12.13
C LEU A 247 31.74 -12.27 -12.81
N HIS A 248 30.52 -12.66 -13.05
CA HIS A 248 29.48 -11.80 -13.59
C HIS A 248 28.94 -10.71 -12.67
N GLY A 249 28.93 -11.01 -11.38
CA GLY A 249 28.44 -10.16 -10.33
C GLY A 249 28.11 -10.86 -9.01
N ILE A 250 27.72 -10.08 -8.02
CA ILE A 250 27.35 -10.62 -6.73
C ILE A 250 25.94 -10.15 -6.28
N ALA A 251 25.14 -11.09 -5.84
CA ALA A 251 23.81 -10.84 -5.31
C ALA A 251 23.66 -11.08 -3.77
N VAL A 252 23.01 -10.20 -3.10
CA VAL A 252 22.86 -10.31 -1.67
C VAL A 252 21.36 -10.38 -1.15
N TRP A 253 21.05 -11.33 -0.29
CA TRP A 253 19.78 -11.52 0.41
C TRP A 253 20.01 -11.29 1.95
N THR A 254 19.64 -10.17 2.51
CA THR A 254 18.92 -9.07 1.94
C THR A 254 19.35 -7.82 2.73
N ALA A 255 18.96 -6.63 2.29
CA ALA A 255 19.30 -5.40 3.04
C ALA A 255 18.66 -5.45 4.48
N ASP A 256 17.51 -6.08 4.55
CA ASP A 256 16.76 -6.17 5.74
C ASP A 256 17.47 -6.97 6.84
N THR A 257 18.03 -8.11 6.49
CA THR A 257 18.92 -8.87 7.33
C THR A 257 20.25 -8.23 7.65
N SER A 258 20.81 -7.50 6.70
CA SER A 258 22.06 -6.83 6.85
C SER A 258 22.10 -5.72 7.89
N LYS A 259 20.96 -5.23 8.37
CA LYS A 259 20.96 -4.18 9.38
C LYS A 259 21.74 -4.66 10.61
N SER A 260 21.63 -5.92 10.93
CA SER A 260 22.30 -6.44 12.09
C SER A 260 23.86 -6.51 12.07
N SER A 261 24.45 -6.61 10.88
CA SER A 261 25.88 -6.62 10.64
C SER A 261 26.40 -5.24 10.18
N ASP A 262 25.52 -4.28 10.28
CA ASP A 262 25.68 -2.93 9.82
C ASP A 262 26.10 -2.75 8.33
N PHE A 263 25.64 -3.58 7.43
CA PHE A 263 25.97 -3.48 6.04
C PHE A 263 27.47 -3.69 5.75
N ARG A 264 28.17 -4.33 6.67
CA ARG A 264 29.57 -4.56 6.45
C ARG A 264 29.83 -5.41 5.19
N TYR A 265 29.01 -6.40 4.98
CA TYR A 265 29.12 -7.26 3.83
C TYR A 265 28.84 -6.59 2.47
N GLU A 266 27.81 -5.75 2.42
CA GLU A 266 27.54 -4.96 1.23
C GLU A 266 28.76 -4.11 0.85
N GLU A 267 29.36 -3.49 1.85
CA GLU A 267 30.54 -2.64 1.64
C GLU A 267 31.75 -3.45 1.20
N GLU A 268 31.90 -4.66 1.75
CA GLU A 268 33.03 -5.48 1.43
C GLU A 268 32.99 -6.02 -0.02
N ALA A 269 31.84 -6.49 -0.39
CA ALA A 269 31.59 -7.05 -1.69
C ALA A 269 31.67 -6.07 -2.88
N GLN A 270 31.13 -4.90 -2.72
CA GLN A 270 31.28 -3.85 -3.69
C GLN A 270 32.74 -3.41 -3.93
N ALA A 271 33.49 -3.24 -2.85
CA ALA A 271 34.92 -2.95 -2.89
C ALA A 271 35.69 -4.06 -3.59
N PHE A 272 35.32 -5.30 -3.31
CA PHE A 272 35.92 -6.44 -3.95
C PHE A 272 35.67 -6.36 -5.48
N LEU A 273 34.45 -6.05 -5.91
CA LEU A 273 34.10 -6.05 -7.31
C LEU A 273 34.94 -5.06 -8.17
N VAL A 274 35.16 -3.92 -7.60
CA VAL A 274 35.72 -2.79 -8.22
C VAL A 274 37.29 -2.75 -8.20
N SER A 275 37.92 -3.60 -7.39
CA SER A 275 39.37 -3.67 -7.21
C SER A 275 40.19 -4.29 -8.36
N THR B 1 -16.82 17.94 -9.33
CA THR B 1 -16.61 16.62 -8.79
C THR B 1 -16.05 16.68 -7.36
N LEU B 2 -16.50 15.79 -6.51
CA LEU B 2 -16.09 15.72 -5.15
C LEU B 2 -15.60 14.33 -4.81
N PHE B 3 -14.38 14.26 -4.33
CA PHE B 3 -13.79 13.04 -3.78
C PHE B 3 -13.30 13.21 -2.35
N VAL B 4 -13.72 12.30 -1.49
CA VAL B 4 -13.50 12.36 -0.06
C VAL B 4 -12.71 11.15 0.46
N GLU B 5 -11.50 11.40 0.95
CA GLU B 5 -10.61 10.33 1.40
C GLU B 5 -10.22 10.45 2.87
N TYR B 6 -10.80 9.56 3.69
CA TYR B 6 -10.46 9.45 5.09
C TYR B 6 -8.99 8.96 5.31
N ILE B 7 -8.32 9.53 6.27
CA ILE B 7 -6.93 9.19 6.60
C ILE B 7 -6.55 9.35 8.08
N GLY B 8 -5.56 8.58 8.56
CA GLY B 8 -5.11 8.54 9.94
C GLY B 8 -5.52 7.40 10.85
N TYR B 9 -6.46 6.59 10.37
CA TYR B 9 -6.96 5.37 10.98
C TYR B 9 -7.23 4.25 9.96
N PRO B 10 -6.94 2.99 10.26
CA PRO B 10 -6.35 2.57 11.51
C PRO B 10 -4.90 3.03 11.67
N LEU B 11 -4.44 2.96 12.89
CA LEU B 11 -3.17 3.47 13.36
C LEU B 11 -1.93 2.73 12.81
N PHE B 12 -0.83 3.45 12.75
CA PHE B 12 0.48 2.91 12.48
C PHE B 12 0.68 2.45 11.03
N SER B 13 -0.07 2.95 10.10
CA SER B 13 0.16 2.71 8.68
C SER B 13 1.45 3.28 8.04
N GLY B 14 1.85 4.46 8.46
CA GLY B 14 2.84 5.28 7.79
C GLY B 14 2.39 6.05 6.55
N VAL B 15 1.14 5.92 6.13
CA VAL B 15 0.66 6.64 4.93
C VAL B 15 0.61 8.18 5.04
N LYS B 16 1.40 8.82 4.21
CA LYS B 16 1.46 10.26 4.08
C LYS B 16 0.40 10.79 3.08
N PHE B 17 0.10 12.09 3.13
CA PHE B 17 -0.82 12.76 2.22
C PHE B 17 -0.26 12.52 0.81
N SER B 18 1.06 12.64 0.69
CA SER B 18 1.86 12.44 -0.50
C SER B 18 1.91 11.00 -1.07
N ASP B 19 1.59 10.02 -0.29
CA ASP B 19 1.40 8.70 -0.75
C ASP B 19 0.10 8.52 -1.60
N VAL B 20 -0.90 9.39 -1.42
CA VAL B 20 -2.19 9.17 -2.03
C VAL B 20 -2.35 9.79 -3.41
N PRO B 21 -2.71 9.02 -4.42
CA PRO B 21 -2.85 9.62 -5.76
C PRO B 21 -3.99 10.64 -5.83
N ILE B 22 -3.65 11.85 -6.25
CA ILE B 22 -4.54 12.94 -6.36
C ILE B 22 -4.75 13.31 -7.87
N ASN B 23 -5.96 13.14 -8.34
CA ASN B 23 -6.35 13.48 -9.68
C ASN B 23 -6.64 15.02 -9.81
N PRO B 24 -5.82 15.67 -10.61
CA PRO B 24 -5.84 17.12 -10.84
C PRO B 24 -7.13 17.60 -11.48
N HIS B 25 -7.88 16.74 -12.11
CA HIS B 25 -9.14 17.12 -12.68
C HIS B 25 -10.34 17.11 -11.72
N ILE B 26 -10.18 16.47 -10.58
CA ILE B 26 -11.17 16.53 -9.52
C ILE B 26 -11.23 17.97 -9.01
N THR B 27 -12.41 18.55 -9.02
CA THR B 27 -12.68 19.91 -8.54
C THR B 27 -12.45 20.10 -7.03
N LYS B 28 -13.03 19.23 -6.23
CA LYS B 28 -12.78 19.23 -4.83
C LYS B 28 -12.32 17.89 -4.27
N PHE B 29 -11.09 17.85 -3.86
CA PHE B 29 -10.47 16.73 -3.15
C PHE B 29 -10.46 17.11 -1.67
N GLN B 30 -11.00 16.26 -0.83
CA GLN B 30 -10.97 16.48 0.61
C GLN B 30 -10.38 15.32 1.40
N PHE B 31 -9.27 15.54 2.04
CA PHE B 31 -8.76 14.65 3.07
C PHE B 31 -9.60 14.82 4.37
N VAL B 32 -9.97 13.75 5.03
CA VAL B 32 -10.59 13.84 6.35
C VAL B 32 -9.77 13.09 7.44
N LEU B 33 -9.14 13.83 8.33
CA LEU B 33 -8.29 13.29 9.37
C LEU B 33 -9.12 12.58 10.47
N SER B 34 -8.80 11.32 10.74
CA SER B 34 -9.60 10.52 11.66
C SER B 34 -8.71 10.10 12.83
N PHE B 35 -8.95 10.54 14.05
CA PHE B 35 -10.03 11.35 14.54
C PHE B 35 -9.54 12.35 15.59
N ALA B 36 -10.30 13.41 15.73
CA ALA B 36 -10.44 14.16 16.94
C ALA B 36 -11.61 13.66 17.81
N VAL B 37 -11.30 13.54 19.08
CA VAL B 37 -12.20 13.00 20.06
C VAL B 37 -12.19 13.74 21.40
N ASP B 38 -13.37 13.95 21.96
CA ASP B 38 -13.58 14.47 23.31
C ASP B 38 -13.55 13.40 24.43
N TYR B 39 -12.42 12.72 24.44
CA TYR B 39 -12.00 11.70 25.39
C TYR B 39 -10.52 11.96 25.76
N THR B 40 -10.10 11.59 26.96
CA THR B 40 -8.71 11.78 27.41
C THR B 40 -7.64 11.04 26.57
N ALA B 41 -6.51 11.68 26.31
CA ALA B 41 -5.41 11.10 25.51
C ALA B 41 -4.82 9.85 26.14
N SER B 42 -4.84 9.74 27.43
CA SER B 42 -4.33 8.58 28.07
C SER B 42 -5.39 7.65 28.58
N SER B 43 -5.03 6.39 28.68
CA SER B 43 -5.84 5.33 29.26
C SER B 43 -5.88 5.32 30.77
N PRO B 44 -7.00 4.89 31.33
CA PRO B 44 -8.18 4.60 30.53
C PRO B 44 -8.90 5.86 29.94
N HIS B 45 -9.34 5.75 28.71
CA HIS B 45 -9.91 6.91 28.03
C HIS B 45 -11.36 7.16 28.46
N THR B 46 -11.62 8.32 29.04
CA THR B 46 -12.93 8.76 29.51
C THR B 46 -13.33 10.10 28.91
N SER B 47 -14.61 10.41 28.87
CA SER B 47 -15.12 11.61 28.24
C SER B 47 -14.78 12.93 28.90
N THR B 48 -14.60 13.93 28.09
CA THR B 48 -14.23 15.26 28.55
C THR B 48 -15.25 16.39 28.46
N ASN B 49 -16.48 16.06 28.19
CA ASN B 49 -17.50 17.05 27.91
C ASN B 49 -17.23 18.07 26.79
N GLY B 50 -16.82 17.59 25.62
CA GLY B 50 -16.45 18.41 24.51
C GLY B 50 -15.05 19.06 24.44
N LYS B 51 -14.12 18.69 25.28
CA LYS B 51 -12.75 19.11 25.01
C LYS B 51 -12.03 18.11 24.11
N PHE B 52 -11.81 18.56 22.91
CA PHE B 52 -11.26 17.73 21.87
C PHE B 52 -9.76 17.57 21.99
N ASN B 53 -9.35 16.36 21.72
CA ASN B 53 -7.97 15.95 21.52
C ASN B 53 -7.71 15.19 20.19
N VAL B 54 -6.52 15.41 19.66
CA VAL B 54 -6.00 14.80 18.45
C VAL B 54 -5.51 13.38 18.69
N PHE B 55 -6.09 12.43 17.96
CA PHE B 55 -5.72 11.02 17.99
C PHE B 55 -5.00 10.37 16.77
N TRP B 56 -4.87 11.06 15.67
CA TRP B 56 -4.02 10.63 14.59
C TRP B 56 -2.55 10.95 14.90
N ASP B 57 -1.65 10.54 14.03
CA ASP B 57 -0.23 10.79 14.20
C ASP B 57 0.23 12.13 13.63
N SER B 58 0.52 13.04 14.51
CA SER B 58 0.96 14.35 14.16
C SER B 58 2.30 14.49 13.46
N SER B 59 3.21 13.58 13.64
CA SER B 59 4.44 13.63 12.91
C SER B 59 4.34 13.21 11.46
N ILE B 60 3.29 12.48 11.13
CA ILE B 60 2.98 12.15 9.76
C ILE B 60 1.96 13.11 9.09
N LEU B 61 0.78 13.25 9.69
CA LEU B 61 -0.25 14.22 9.35
C LEU B 61 -0.26 15.57 10.16
N GLY B 62 0.82 16.32 10.11
CA GLY B 62 0.97 17.58 10.81
C GLY B 62 0.67 18.86 10.09
N PRO B 63 0.79 19.97 10.79
CA PRO B 63 0.51 21.27 10.24
C PRO B 63 1.39 21.58 9.04
N ASP B 64 2.67 21.29 9.08
CA ASP B 64 3.51 21.52 7.93
C ASP B 64 3.13 20.66 6.74
N GLN B 65 2.86 19.39 6.95
CA GLN B 65 2.42 18.50 5.88
C GLN B 65 1.09 18.89 5.23
N ILE B 66 0.16 19.36 6.04
CA ILE B 66 -1.11 19.84 5.59
C ILE B 66 -0.97 21.07 4.70
N SER B 67 -0.17 22.02 5.15
CA SER B 67 0.07 23.25 4.42
C SER B 67 0.76 22.95 3.10
N ALA B 68 1.75 22.09 3.16
CA ALA B 68 2.42 21.66 1.98
C ALA B 68 1.60 20.93 0.92
N ILE B 69 0.76 19.99 1.29
CA ILE B 69 -0.07 19.31 0.33
C ILE B 69 -1.03 20.30 -0.34
N LYS B 70 -1.57 21.26 0.41
CA LYS B 70 -2.50 22.28 -0.10
C LYS B 70 -1.91 23.27 -1.11
N SER B 71 -0.69 23.67 -0.82
CA SER B 71 0.08 24.51 -1.70
C SER B 71 0.49 23.86 -3.01
N SER B 72 0.76 22.59 -3.02
CA SER B 72 1.10 21.97 -4.27
C SER B 72 -0.12 21.38 -5.02
N HIS B 73 -1.24 21.18 -4.35
CA HIS B 73 -2.45 20.77 -5.04
C HIS B 73 -3.57 21.74 -4.68
N PRO B 74 -3.88 22.67 -5.59
CA PRO B 74 -4.91 23.69 -5.39
C PRO B 74 -6.34 23.18 -5.23
N ASN B 75 -6.61 21.98 -5.69
CA ASN B 75 -7.90 21.32 -5.52
C ASN B 75 -8.16 20.63 -4.17
N VAL B 76 -7.19 20.65 -3.28
CA VAL B 76 -7.21 19.92 -2.02
C VAL B 76 -7.66 20.79 -0.80
N ARG B 77 -8.57 20.29 -0.01
CA ARG B 77 -8.81 20.79 1.32
C ARG B 77 -8.72 19.70 2.38
N VAL B 78 -8.58 20.11 3.61
CA VAL B 78 -8.43 19.22 4.71
C VAL B 78 -9.33 19.48 5.88
N ALA B 79 -10.01 18.42 6.24
CA ALA B 79 -11.00 18.45 7.27
C ALA B 79 -10.65 17.50 8.41
N VAL B 80 -11.36 17.58 9.52
CA VAL B 80 -11.21 16.67 10.65
C VAL B 80 -12.53 16.00 11.04
N SER B 81 -12.49 14.69 11.24
CA SER B 81 -13.62 13.90 11.67
C SER B 81 -13.69 13.71 13.18
N LEU B 82 -14.85 13.99 13.71
CA LEU B 82 -15.12 13.92 15.11
C LEU B 82 -15.73 12.56 15.53
N GLY B 83 -15.24 12.03 16.61
CA GLY B 83 -15.70 10.79 17.12
C GLY B 83 -15.00 9.52 16.76
N GLY B 84 -15.55 8.76 15.85
CA GLY B 84 -15.05 7.43 15.63
C GLY B 84 -15.62 6.41 16.62
N ALA B 85 -15.46 5.12 16.34
CA ALA B 85 -15.95 4.03 17.19
C ALA B 85 -15.35 3.78 18.55
N SER B 86 -14.03 3.82 18.59
CA SER B 86 -13.24 3.44 19.72
C SER B 86 -12.03 4.34 19.97
N VAL B 87 -11.66 4.48 21.22
CA VAL B 87 -10.35 4.96 21.58
C VAL B 87 -9.64 3.99 22.48
N GLY B 88 -8.59 3.42 21.98
CA GLY B 88 -7.94 2.30 22.62
C GLY B 88 -8.96 1.19 22.68
N SER B 89 -9.18 0.65 23.84
CA SER B 89 -10.20 -0.35 23.98
C SER B 89 -11.57 0.15 24.50
N ASN B 90 -11.70 1.47 24.65
CA ASN B 90 -12.88 2.09 25.18
C ASN B 90 -13.82 2.57 24.06
N THR B 91 -15.09 2.18 24.15
CA THR B 91 -16.03 2.66 23.17
C THR B 91 -16.34 4.16 23.33
N VAL B 92 -16.39 4.88 22.21
CA VAL B 92 -16.62 6.32 22.21
C VAL B 92 -18.13 6.59 22.29
N GLN B 93 -18.61 6.96 23.46
CA GLN B 93 -20.00 7.37 23.66
C GLN B 93 -20.16 8.89 23.54
N PHE B 94 -21.14 9.34 22.79
CA PHE B 94 -21.45 10.75 22.82
C PHE B 94 -22.03 11.09 24.19
N GLN B 95 -21.45 12.05 24.87
CA GLN B 95 -21.93 12.51 26.16
C GLN B 95 -21.78 14.00 26.43
N ALA B 96 -22.85 14.62 26.85
CA ALA B 96 -22.83 16.00 27.26
C ALA B 96 -23.42 16.21 28.69
N ALA B 97 -22.70 16.89 29.56
CA ALA B 97 -23.20 17.32 30.88
C ALA B 97 -24.38 18.32 30.85
N SER B 98 -24.27 19.32 30.00
CA SER B 98 -25.31 20.21 29.57
C SER B 98 -25.05 20.56 28.11
N VAL B 99 -26.02 21.02 27.38
CA VAL B 99 -25.73 21.46 26.02
C VAL B 99 -24.78 22.66 26.00
N ASP B 100 -25.01 23.63 26.86
CA ASP B 100 -24.22 24.85 26.86
C ASP B 100 -22.73 24.59 27.20
N SER B 101 -22.49 23.78 28.21
CA SER B 101 -21.14 23.42 28.56
C SER B 101 -20.37 22.61 27.50
N TRP B 102 -21.00 21.63 26.88
CA TRP B 102 -20.36 20.85 25.82
C TRP B 102 -20.03 21.74 24.61
N VAL B 103 -20.99 22.55 24.18
CA VAL B 103 -20.82 23.44 23.05
C VAL B 103 -19.70 24.45 23.31
N SER B 104 -19.63 25.01 24.51
CA SER B 104 -18.55 25.91 24.87
C SER B 104 -17.11 25.27 24.84
N ASN B 105 -16.97 24.09 25.39
CA ASN B 105 -15.73 23.34 25.32
C ASN B 105 -15.33 23.01 23.86
N ALA B 106 -16.30 22.54 23.10
CA ALA B 106 -16.12 22.14 21.72
C ALA B 106 -15.67 23.26 20.75
N VAL B 107 -16.32 24.39 20.83
CA VAL B 107 -15.95 25.52 20.01
C VAL B 107 -14.51 26.01 20.31
N THR B 108 -14.18 26.19 21.58
CA THR B 108 -12.85 26.61 22.01
C THR B 108 -11.76 25.59 21.64
N SER B 109 -11.96 24.33 21.99
CA SER B 109 -10.98 23.31 21.74
C SER B 109 -10.74 23.00 20.27
N LEU B 110 -11.81 22.86 19.52
CA LEU B 110 -11.73 22.72 18.05
C LEU B 110 -11.17 23.94 17.28
N THR B 111 -11.47 25.14 17.76
CA THR B 111 -10.93 26.36 17.19
C THR B 111 -9.41 26.35 17.28
N ARG B 112 -8.85 25.98 18.41
CA ARG B 112 -7.42 25.76 18.56
C ARG B 112 -6.87 24.69 17.63
N ILE B 113 -7.53 23.55 17.56
CA ILE B 113 -7.09 22.51 16.66
C ILE B 113 -7.14 22.93 15.17
N ILE B 114 -8.26 23.48 14.74
CA ILE B 114 -8.41 23.91 13.37
C ILE B 114 -7.37 25.00 12.98
N GLN B 115 -7.15 26.00 13.80
CA GLN B 115 -6.16 27.02 13.49
C GLN B 115 -4.71 26.51 13.41
N ARG B 116 -4.33 25.69 14.38
CA ARG B 116 -3.01 25.09 14.41
C ARG B 116 -2.67 24.14 13.27
N TYR B 117 -3.59 23.27 12.89
CA TYR B 117 -3.41 22.35 11.79
C TYR B 117 -3.78 22.92 10.38
N ASN B 118 -4.21 24.16 10.32
CA ASN B 118 -4.66 24.79 9.06
C ASN B 118 -5.80 24.08 8.31
N LEU B 119 -6.89 23.79 8.99
CA LEU B 119 -7.97 22.96 8.48
C LEU B 119 -9.13 23.82 7.92
N ASP B 120 -9.92 23.20 7.07
CA ASP B 120 -10.99 23.81 6.33
C ASP B 120 -12.45 23.48 6.73
N GLY B 121 -12.61 22.38 7.43
CA GLY B 121 -13.88 21.77 7.72
C GLY B 121 -13.90 20.66 8.77
N ILE B 122 -15.09 20.19 9.06
CA ILE B 122 -15.34 19.08 9.95
C ILE B 122 -16.28 18.03 9.38
N ASP B 123 -16.20 16.83 9.93
CA ASP B 123 -17.11 15.73 9.70
C ASP B 123 -17.58 15.17 11.04
N ILE B 124 -18.80 14.72 11.04
CA ILE B 124 -19.38 14.18 12.22
C ILE B 124 -19.58 12.64 12.14
N ASP B 125 -18.84 11.95 12.96
CA ASP B 125 -18.80 10.50 13.01
C ASP B 125 -18.91 9.87 14.43
N TYR B 126 -19.84 10.34 15.25
CA TYR B 126 -20.22 9.63 16.45
C TYR B 126 -21.08 8.39 16.10
N GLU B 127 -20.78 7.28 16.73
CA GLU B 127 -21.44 6.02 16.48
C GLU B 127 -22.20 5.31 17.67
N HIS B 128 -22.01 5.82 18.89
CA HIS B 128 -22.59 5.31 20.12
C HIS B 128 -23.34 6.37 20.92
N PHE B 129 -24.56 6.06 21.33
CA PHE B 129 -25.51 6.97 21.85
C PHE B 129 -26.22 6.52 23.16
N GLN B 130 -25.65 5.54 23.82
CA GLN B 130 -26.17 4.90 25.02
C GLN B 130 -26.30 5.82 26.22
N ASN B 131 -25.52 6.87 26.29
CA ASN B 131 -25.55 7.83 27.37
C ASN B 131 -26.06 9.23 27.00
N THR B 132 -26.93 9.32 26.00
CA THR B 132 -27.47 10.57 25.48
C THR B 132 -28.83 10.38 24.77
N ASP B 133 -29.40 11.46 24.26
CA ASP B 133 -30.64 11.45 23.50
C ASP B 133 -30.47 12.28 22.27
N LYS B 134 -31.33 12.06 21.31
CA LYS B 134 -31.24 12.62 19.98
C LYS B 134 -31.29 14.15 19.91
N ASN B 135 -32.10 14.75 20.74
CA ASN B 135 -32.18 16.16 20.82
C ASN B 135 -30.94 16.88 21.41
N THR B 136 -30.36 16.29 22.43
CA THR B 136 -29.14 16.73 23.01
C THR B 136 -28.03 16.66 21.93
N PHE B 137 -27.98 15.56 21.20
CA PHE B 137 -27.02 15.40 20.12
C PHE B 137 -27.22 16.42 19.01
N ALA B 138 -28.44 16.58 18.53
CA ALA B 138 -28.74 17.50 17.48
C ALA B 138 -28.41 18.98 17.87
N GLU B 139 -28.80 19.37 19.06
CA GLU B 139 -28.50 20.68 19.58
C GLU B 139 -26.99 20.96 19.77
N CYS B 140 -26.24 20.01 20.33
CA CYS B 140 -24.82 20.12 20.48
C CYS B 140 -24.06 20.23 19.15
N ILE B 141 -24.25 19.29 18.25
CA ILE B 141 -23.65 19.38 16.94
C ILE B 141 -24.06 20.59 16.09
N GLY B 142 -25.34 20.90 16.05
CA GLY B 142 -25.81 22.01 15.29
C GLY B 142 -25.22 23.34 15.72
N ARG B 143 -25.23 23.61 17.01
CA ARG B 143 -24.68 24.83 17.54
C ARG B 143 -23.18 24.95 17.27
N LEU B 144 -22.46 23.85 17.37
CA LEU B 144 -21.04 23.80 17.10
C LEU B 144 -20.69 24.16 15.62
N ILE B 145 -21.33 23.49 14.68
CA ILE B 145 -21.15 23.79 13.28
C ILE B 145 -21.58 25.24 12.93
N THR B 146 -22.73 25.66 13.45
CA THR B 146 -23.26 27.01 13.19
C THR B 146 -22.29 28.08 13.71
N THR B 147 -21.82 27.94 14.92
CA THR B 147 -20.87 28.87 15.50
C THR B 147 -19.55 28.91 14.77
N LEU B 148 -18.99 27.76 14.42
CA LEU B 148 -17.71 27.69 13.71
C LEU B 148 -17.82 28.36 12.31
N LYS B 149 -18.90 28.12 11.61
CA LYS B 149 -19.17 28.77 10.35
C LYS B 149 -19.33 30.31 10.52
N LYS B 150 -20.08 30.72 11.53
CA LYS B 150 -20.39 32.12 11.81
C LYS B 150 -19.09 32.89 12.13
N ASN B 151 -18.23 32.29 12.92
CA ASN B 151 -16.93 32.78 13.31
C ASN B 151 -15.89 32.76 12.17
N GLY B 152 -16.16 32.16 11.03
CA GLY B 152 -15.19 31.99 9.97
C GLY B 152 -14.04 30.97 10.11
N VAL B 153 -14.08 30.11 11.12
CA VAL B 153 -13.15 29.00 11.39
C VAL B 153 -13.15 27.80 10.40
N ILE B 154 -14.32 27.46 9.90
CA ILE B 154 -14.52 26.42 8.89
C ILE B 154 -15.36 26.91 7.71
N SER B 155 -15.02 26.49 6.52
CA SER B 155 -15.80 26.57 5.32
C SER B 155 -16.99 25.60 5.12
N PHE B 156 -16.77 24.32 5.37
CA PHE B 156 -17.74 23.25 5.16
C PHE B 156 -17.95 22.28 6.34
N ALA B 157 -19.06 21.59 6.32
CA ALA B 157 -19.31 20.48 7.22
C ALA B 157 -20.11 19.29 6.59
N SER B 158 -19.72 18.09 6.98
CA SER B 158 -20.36 16.85 6.62
C SER B 158 -20.76 15.95 7.84
N ILE B 159 -21.67 15.05 7.60
CA ILE B 159 -22.06 14.01 8.54
C ILE B 159 -21.87 12.62 7.92
N SER B 160 -21.64 11.58 8.71
CA SER B 160 -21.48 10.27 8.18
C SER B 160 -22.34 9.16 8.81
N PRO B 161 -23.66 9.20 8.61
CA PRO B 161 -24.58 8.25 9.20
C PRO B 161 -24.61 6.85 8.56
N PHE B 162 -25.34 5.96 9.19
CA PHE B 162 -25.58 4.61 8.71
C PHE B 162 -26.90 4.11 9.37
N PRO B 163 -27.49 3.02 8.93
CA PRO B 163 -28.89 2.76 9.28
C PRO B 163 -29.13 2.74 10.79
N SER B 164 -28.25 2.09 11.52
CA SER B 164 -28.44 1.90 12.94
C SER B 164 -28.36 3.18 13.82
N VAL B 165 -27.92 4.26 13.22
CA VAL B 165 -27.70 5.52 13.83
C VAL B 165 -28.53 6.68 13.20
N ASP B 166 -29.35 6.30 12.27
CA ASP B 166 -30.09 7.22 11.49
C ASP B 166 -31.01 8.06 12.37
N GLU B 167 -31.49 7.54 13.47
CA GLU B 167 -32.35 8.30 14.35
C GLU B 167 -31.69 9.59 14.87
N TYR B 168 -30.47 9.48 15.32
CA TYR B 168 -29.68 10.59 15.77
C TYR B 168 -29.28 11.62 14.71
N TYR B 169 -28.78 11.13 13.57
CA TYR B 169 -28.46 11.94 12.44
C TYR B 169 -29.67 12.70 11.75
N LEU B 170 -30.82 12.06 11.68
CA LEU B 170 -32.05 12.68 11.19
C LEU B 170 -32.55 13.86 12.03
N ALA B 171 -32.40 13.73 13.32
CA ALA B 171 -32.70 14.76 14.26
C ALA B 171 -31.81 15.98 14.02
N LEU B 172 -30.50 15.72 13.88
CA LEU B 172 -29.53 16.74 13.55
C LEU B 172 -29.81 17.41 12.20
N PHE B 173 -30.03 16.61 11.18
CA PHE B 173 -30.27 17.11 9.84
C PHE B 173 -31.55 17.92 9.75
N ASN B 174 -32.62 17.42 10.31
CA ASN B 174 -33.90 18.06 10.29
C ASN B 174 -33.86 19.40 11.02
N GLU B 175 -33.21 19.44 12.15
CA GLU B 175 -32.93 20.66 12.90
C GLU B 175 -31.94 21.70 12.31
N TYR B 176 -30.92 21.24 11.59
CA TYR B 176 -29.82 22.06 11.15
C TYR B 176 -29.41 21.88 9.68
N LYS B 177 -30.38 21.64 8.84
CA LYS B 177 -30.18 21.27 7.47
C LYS B 177 -29.36 22.27 6.70
N ASN B 178 -29.56 23.54 6.94
CA ASN B 178 -28.78 24.53 6.22
C ASN B 178 -27.30 24.71 6.68
N ALA B 179 -26.97 24.10 7.78
CA ALA B 179 -25.61 24.08 8.21
C ALA B 179 -24.71 22.91 7.72
N ILE B 180 -25.30 21.89 7.13
CA ILE B 180 -24.62 20.71 6.67
C ILE B 180 -24.50 20.66 5.13
N ASN B 181 -23.28 20.66 4.63
CA ASN B 181 -22.99 20.61 3.22
C ASN B 181 -23.28 19.34 2.40
N HIS B 182 -22.87 18.20 2.91
CA HIS B 182 -23.07 16.89 2.32
C HIS B 182 -23.04 15.76 3.35
N ILE B 183 -23.56 14.62 2.92
CA ILE B 183 -23.72 13.44 3.73
C ILE B 183 -22.87 12.26 3.21
N ASN B 184 -21.82 11.94 3.94
CA ASN B 184 -20.99 10.82 3.59
C ASN B 184 -21.56 9.47 4.13
N TYR B 185 -22.64 9.01 3.55
CA TYR B 185 -23.36 7.84 4.04
C TYR B 185 -22.46 6.64 3.96
N GLN B 186 -22.39 5.91 5.06
CA GLN B 186 -21.55 4.72 5.16
C GLN B 186 -22.22 3.39 4.64
N PHE B 187 -22.24 3.21 3.34
CA PHE B 187 -22.83 2.07 2.60
C PHE B 187 -22.15 0.67 2.91
N LYS B 188 -20.95 0.73 3.43
CA LYS B 188 -20.24 -0.44 3.88
C LYS B 188 -20.85 -1.05 5.14
N ALA B 189 -21.75 -0.34 5.79
CA ALA B 189 -22.49 -0.85 6.91
C ALA B 189 -23.42 -2.04 6.54
N TYR B 190 -23.86 -2.06 5.30
CA TYR B 190 -24.64 -3.15 4.75
C TYR B 190 -23.79 -4.45 4.58
N ASP B 191 -24.47 -5.56 4.52
CA ASP B 191 -23.93 -6.89 4.28
C ASP B 191 -23.31 -6.94 2.91
N SER B 192 -22.26 -7.73 2.82
CA SER B 192 -21.40 -7.87 1.65
C SER B 192 -22.01 -8.60 0.50
N SER B 193 -23.10 -9.30 0.77
CA SER B 193 -23.89 -9.91 -0.26
C SER B 193 -24.71 -8.88 -1.03
N THR B 194 -24.61 -7.60 -0.67
CA THR B 194 -25.44 -6.63 -1.31
C THR B 194 -25.09 -6.66 -2.80
N SER B 195 -26.11 -6.91 -3.60
CA SER B 195 -26.11 -6.82 -5.05
C SER B 195 -26.22 -5.38 -5.55
N VAL B 196 -26.05 -5.19 -6.85
CA VAL B 196 -26.18 -3.89 -7.48
C VAL B 196 -27.58 -3.31 -7.28
N ASP B 197 -28.61 -4.11 -7.53
CA ASP B 197 -29.98 -3.66 -7.36
C ASP B 197 -30.28 -3.31 -5.89
N LYS B 198 -29.82 -4.10 -4.95
CA LYS B 198 -30.04 -3.79 -3.57
C LYS B 198 -29.35 -2.47 -3.14
N PHE B 199 -28.12 -2.26 -3.61
CA PHE B 199 -27.36 -1.07 -3.27
C PHE B 199 -28.11 0.18 -3.75
N LEU B 200 -28.61 0.10 -4.97
CA LEU B 200 -29.35 1.18 -5.58
C LEU B 200 -30.63 1.55 -4.79
N GLY B 201 -31.31 0.54 -4.30
CA GLY B 201 -32.45 0.70 -3.44
C GLY B 201 -32.08 1.38 -2.13
N TYR B 202 -30.96 0.98 -1.56
CA TYR B 202 -30.40 1.56 -0.37
C TYR B 202 -30.06 3.05 -0.57
N TYR B 203 -29.45 3.39 -1.70
CA TYR B 203 -29.11 4.78 -2.00
C TYR B 203 -30.37 5.64 -2.08
N ASN B 204 -31.35 5.13 -2.79
CA ASN B 204 -32.61 5.81 -2.94
C ASN B 204 -33.29 5.97 -1.57
N ASN B 205 -33.19 5.00 -0.67
CA ASN B 205 -33.70 5.15 0.70
C ASN B 205 -33.00 6.31 1.47
N ALA B 206 -31.67 6.34 1.43
CA ALA B 206 -30.91 7.38 2.11
C ALA B 206 -31.22 8.81 1.60
N ALA B 207 -31.30 8.97 0.31
CA ALA B 207 -31.63 10.22 -0.30
C ALA B 207 -33.02 10.67 0.14
N SER B 208 -33.93 9.74 0.20
CA SER B 208 -35.26 10.00 0.68
C SER B 208 -35.37 10.37 2.17
N LYS B 209 -34.61 9.70 3.01
CA LYS B 209 -34.49 10.02 4.43
C LYS B 209 -33.94 11.42 4.62
N TYR B 210 -32.88 11.73 3.93
CA TYR B 210 -32.23 13.00 4.05
C TYR B 210 -32.62 13.94 2.89
N LYS B 211 -33.90 14.17 2.74
CA LYS B 211 -34.44 14.88 1.60
C LYS B 211 -33.86 16.28 1.48
N GLY B 212 -33.32 16.54 0.31
CA GLY B 212 -32.66 17.78 0.01
C GLY B 212 -31.25 17.92 0.53
N GLY B 213 -30.69 16.83 1.04
CA GLY B 213 -29.34 16.73 1.49
C GLY B 213 -28.56 16.02 0.40
N ASN B 214 -27.32 16.40 0.14
CA ASN B 214 -26.50 15.76 -0.86
C ASN B 214 -25.78 14.47 -0.31
N VAL B 215 -26.31 13.32 -0.68
CA VAL B 215 -25.79 12.04 -0.21
C VAL B 215 -24.79 11.44 -1.21
N LEU B 216 -23.52 11.40 -0.80
CA LEU B 216 -22.44 10.70 -1.46
C LEU B 216 -22.47 9.18 -1.26
N ILE B 217 -22.08 8.43 -2.27
CA ILE B 217 -21.83 7.00 -2.18
C ILE B 217 -20.42 6.75 -1.66
N SER B 218 -20.14 5.52 -1.23
CA SER B 218 -18.92 5.15 -0.50
C SER B 218 -18.51 3.63 -0.57
N PHE B 219 -17.24 3.33 -0.30
CA PHE B 219 -16.74 2.00 -0.12
C PHE B 219 -15.59 1.94 0.87
N SER B 220 -15.32 0.73 1.36
CA SER B 220 -14.24 0.46 2.27
C SER B 220 -13.17 -0.35 1.59
N THR B 221 -11.94 -0.01 1.88
CA THR B 221 -10.79 -0.75 1.42
C THR B 221 -10.18 -1.65 2.52
N GLY B 222 -10.94 -1.89 3.57
CA GLY B 222 -10.55 -2.74 4.64
C GLY B 222 -10.61 -4.23 4.31
N PRO B 223 -10.11 -5.06 5.19
CA PRO B 223 -10.18 -6.50 4.99
C PRO B 223 -11.63 -7.05 5.19
N HIS B 224 -12.10 -7.85 4.25
CA HIS B 224 -13.47 -8.40 4.26
C HIS B 224 -14.64 -7.41 4.45
N PRO B 225 -14.71 -6.36 3.65
CA PRO B 225 -15.74 -5.30 3.83
C PRO B 225 -17.22 -5.65 3.57
N GLY B 226 -18.10 -4.94 4.23
CA GLY B 226 -19.50 -4.85 3.94
C GLY B 226 -19.72 -4.09 2.68
N GLY B 227 -20.98 -3.94 2.30
CA GLY B 227 -21.37 -3.24 1.11
C GLY B 227 -21.19 -3.92 -0.21
N LEU B 228 -21.41 -3.17 -1.24
CA LEU B 228 -21.23 -3.61 -2.57
C LEU B 228 -19.73 -3.41 -2.86
N PRO B 229 -18.98 -4.45 -2.97
CA PRO B 229 -17.53 -4.27 -3.03
C PRO B 229 -17.06 -3.60 -4.30
N VAL B 230 -15.94 -2.89 -4.17
CA VAL B 230 -15.37 -2.06 -5.19
C VAL B 230 -15.02 -2.84 -6.39
N ASP B 231 -14.72 -4.10 -6.18
CA ASP B 231 -14.31 -4.97 -7.23
C ASP B 231 -15.36 -5.95 -7.65
N LYS B 232 -16.57 -5.77 -7.17
CA LYS B 232 -17.68 -6.63 -7.49
C LYS B 232 -19.00 -5.90 -7.88
N GLY B 233 -18.91 -4.85 -8.65
CA GLY B 233 -20.07 -4.13 -9.11
C GLY B 233 -20.42 -2.75 -8.58
N PHE B 234 -19.60 -2.22 -7.70
CA PHE B 234 -19.81 -0.87 -7.22
C PHE B 234 -19.86 0.16 -8.39
N PHE B 235 -18.96 0.09 -9.35
CA PHE B 235 -18.94 0.97 -10.50
C PHE B 235 -20.16 0.82 -11.46
N ASP B 236 -20.76 -0.36 -11.49
CA ASP B 236 -22.00 -0.59 -12.18
C ASP B 236 -23.14 0.21 -11.54
N ALA B 237 -23.27 0.17 -10.23
CA ALA B 237 -24.19 1.00 -9.50
C ALA B 237 -23.87 2.50 -9.66
N ALA B 238 -22.62 2.87 -9.56
CA ALA B 238 -22.20 4.26 -9.72
C ALA B 238 -22.51 4.87 -11.11
N THR B 239 -22.34 4.07 -12.14
CA THR B 239 -22.64 4.42 -13.50
C THR B 239 -24.11 4.70 -13.65
N SER B 240 -24.99 3.89 -13.09
CA SER B 240 -26.42 4.19 -13.13
C SER B 240 -26.80 5.51 -12.43
N LEU B 241 -26.24 5.72 -11.24
CA LEU B 241 -26.43 6.95 -10.54
C LEU B 241 -25.90 8.16 -11.33
N LYS B 242 -24.72 8.04 -11.93
CA LYS B 242 -24.16 9.12 -12.72
C LYS B 242 -25.09 9.53 -13.90
N ASN B 243 -25.62 8.54 -14.63
CA ASN B 243 -26.54 8.74 -15.78
C ASN B 243 -27.84 9.43 -15.36
N LYS B 244 -28.21 9.20 -14.12
CA LYS B 244 -29.41 9.74 -13.58
C LYS B 244 -29.20 11.11 -13.01
N GLY B 245 -28.00 11.62 -13.06
CA GLY B 245 -27.66 12.82 -12.37
C GLY B 245 -27.78 12.78 -10.84
N LYS B 246 -27.65 11.61 -10.25
CA LYS B 246 -27.69 11.38 -8.82
C LYS B 246 -26.31 11.19 -8.08
N LEU B 247 -25.21 11.39 -8.78
CA LEU B 247 -23.87 11.20 -8.19
C LEU B 247 -23.24 12.47 -7.63
N HIS B 248 -23.43 12.70 -6.35
CA HIS B 248 -22.82 13.81 -5.64
C HIS B 248 -21.32 13.73 -5.49
N GLY B 249 -20.83 12.51 -5.36
CA GLY B 249 -19.42 12.19 -5.12
C GLY B 249 -19.16 10.83 -4.50
N ILE B 250 -17.90 10.54 -4.24
CA ILE B 250 -17.53 9.27 -3.67
C ILE B 250 -16.66 9.50 -2.44
N ALA B 251 -16.92 8.79 -1.37
CA ALA B 251 -16.08 8.73 -0.17
C ALA B 251 -15.40 7.36 0.06
N VAL B 252 -14.18 7.43 0.54
CA VAL B 252 -13.39 6.24 0.81
C VAL B 252 -12.78 6.09 2.26
N TRP B 253 -12.94 4.90 2.83
CA TRP B 253 -12.43 4.54 4.14
C TRP B 253 -11.49 3.34 3.91
N THR B 254 -10.18 3.47 4.07
CA THR B 254 -9.40 4.67 4.37
C THR B 254 -8.07 4.60 3.59
N ALA B 255 -7.33 5.69 3.52
CA ALA B 255 -6.02 5.68 2.88
C ALA B 255 -5.10 4.63 3.58
N ASP B 256 -5.21 4.52 4.89
CA ASP B 256 -4.40 3.59 5.64
C ASP B 256 -4.64 2.07 5.25
N THR B 257 -5.88 1.62 5.13
CA THR B 257 -6.22 0.31 4.58
C THR B 257 -5.88 0.12 3.10
N SER B 258 -5.98 1.20 2.34
CA SER B 258 -5.68 1.25 0.93
C SER B 258 -4.19 0.98 0.53
N LYS B 259 -3.24 1.12 1.45
CA LYS B 259 -1.85 0.81 1.19
C LYS B 259 -1.73 -0.66 0.69
N SER B 260 -2.50 -1.56 1.23
CA SER B 260 -2.51 -3.00 0.86
C SER B 260 -2.93 -3.30 -0.60
N SER B 261 -3.77 -2.44 -1.13
CA SER B 261 -4.27 -2.50 -2.48
C SER B 261 -3.55 -1.53 -3.40
N ASP B 262 -2.50 -0.91 -2.88
CA ASP B 262 -1.61 -0.03 -3.60
C ASP B 262 -2.29 1.28 -4.11
N PHE B 263 -3.39 1.66 -3.48
CA PHE B 263 -4.17 2.83 -3.82
C PHE B 263 -4.83 2.73 -5.19
N ARG B 264 -5.00 1.55 -5.72
CA ARG B 264 -5.58 1.38 -7.01
C ARG B 264 -7.03 1.91 -7.04
N TYR B 265 -7.75 1.66 -5.97
CA TYR B 265 -9.11 2.03 -5.83
C TYR B 265 -9.32 3.58 -5.81
N GLU B 266 -8.44 4.29 -5.16
CA GLU B 266 -8.43 5.72 -5.14
C GLU B 266 -8.27 6.25 -6.60
N GLU B 267 -7.36 5.64 -7.34
CA GLU B 267 -7.14 6.00 -8.74
C GLU B 267 -8.38 5.74 -9.58
N GLU B 268 -9.00 4.58 -9.40
CA GLU B 268 -10.18 4.24 -10.16
C GLU B 268 -11.42 5.13 -9.87
N ALA B 269 -11.64 5.41 -8.62
CA ALA B 269 -12.79 6.19 -8.22
C ALA B 269 -12.74 7.62 -8.77
N GLN B 270 -11.58 8.24 -8.68
CA GLN B 270 -11.36 9.56 -9.21
C GLN B 270 -11.48 9.65 -10.75
N ALA B 271 -10.91 8.71 -11.46
CA ALA B 271 -10.99 8.62 -12.91
C ALA B 271 -12.45 8.42 -13.38
N PHE B 272 -13.20 7.63 -12.65
CA PHE B 272 -14.63 7.45 -12.92
C PHE B 272 -15.39 8.78 -12.78
N LEU B 273 -15.12 9.53 -11.73
CA LEU B 273 -15.77 10.77 -11.43
C LEU B 273 -15.58 11.79 -12.54
N VAL B 274 -14.42 11.81 -13.11
CA VAL B 274 -13.94 12.81 -13.97
C VAL B 274 -14.25 12.45 -15.45
N SER B 275 -14.61 11.21 -15.69
CA SER B 275 -14.94 10.77 -17.00
C SER B 275 -16.30 11.36 -17.39
C ACT C . -6.80 -8.76 -6.04
O ACT C . -7.49 -9.65 -6.58
OXT ACT C . -6.65 -8.89 -4.80
CH3 ACT C . -6.20 -7.62 -6.83
C1 GOL D . -3.23 -25.06 -14.83
O1 GOL D . -3.23 -24.33 -16.06
C2 GOL D . -1.86 -25.52 -14.30
O2 GOL D . -1.35 -24.68 -13.22
C3 GOL D . -2.05 -27.00 -13.89
O3 GOL D . -0.94 -27.84 -14.23
C1 GOL E . -19.83 1.65 9.83
O1 GOL E . -20.68 0.51 9.85
C2 GOL E . -19.22 1.76 11.23
O2 GOL E . -18.10 2.64 11.32
C3 GOL E . -18.89 0.37 11.79
O3 GOL E . -19.99 -0.48 11.49
#